data_5LYH
#
_entry.id   5LYH
#
_cell.length_a   83.032
_cell.length_b   83.032
_cell.length_c   122.080
_cell.angle_alpha   90.00
_cell.angle_beta   90.00
_cell.angle_gamma   120.00
#
_symmetry.space_group_name_H-M   'P 31 2 1'
#
loop_
_entity.id
_entity.type
_entity.pdbx_description
1 polymer 'Poly [ADP-ribose] polymerase 14'
2 non-polymer '3-[2-[4-[2-[[4-[(3-aminocarbonylphenyl)amino]-4-oxidanylidene-butanoyl]amino]ethyl]-1,2,3-triazol-1-yl]ethylsulfamoyl]benzoic acid'
3 water water
#
_entity_poly.entity_id   1
_entity_poly.type   'polypeptide(L)'
_entity_poly.pdbx_seq_one_letter_code
;SMDMKQQNFCVVELLPSDPEYNTVASKFNQTCSHFRIEKIERIQNPDLWNSYQAKKKTMDAKNGQTMNEKQLFHGTDAGS
VPHVNRNGFNRSYAGKNAVAYGKGTYFAVNANYSANDTYSRPDANGRKHVYYVRVLTGIYTHGNHSLIVPPSKNPQNPTD
LYDTVTDNVHHPSLFVAFYDYQAYPEYLITFRK
;
_entity_poly.pdbx_strand_id   A,B
#
# COMPACT_ATOMS: atom_id res chain seq x y z
N MET A 4 -15.05 24.43 -7.52
CA MET A 4 -16.44 24.99 -7.39
C MET A 4 -16.44 26.07 -6.30
N LYS A 5 -16.07 27.29 -6.73
CA LYS A 5 -15.14 28.18 -6.01
C LYS A 5 -13.71 27.76 -6.38
N GLN A 6 -12.83 28.73 -6.48
CA GLN A 6 -11.49 28.56 -7.05
C GLN A 6 -10.47 27.85 -6.13
N GLN A 7 -10.65 27.96 -4.81
CA GLN A 7 -9.79 27.28 -3.80
C GLN A 7 -8.30 27.45 -4.15
N ASN A 8 -7.95 28.69 -4.42
CA ASN A 8 -6.57 29.12 -4.60
C ASN A 8 -5.90 29.01 -3.25
N PHE A 9 -4.61 28.77 -3.25
CA PHE A 9 -3.93 28.49 -1.98
C PHE A 9 -2.59 29.23 -1.89
N CYS A 10 -2.19 29.49 -0.65
CA CYS A 10 -0.86 29.94 -0.31
C CYS A 10 -0.17 28.82 0.45
N VAL A 11 1.14 28.77 0.32
CA VAL A 11 1.96 27.76 0.94
C VAL A 11 2.94 28.58 1.78
N VAL A 12 3.00 28.30 3.08
CA VAL A 12 3.79 29.07 4.05
C VAL A 12 4.76 28.14 4.72
N GLU A 13 6.04 28.34 4.45
CA GLU A 13 7.09 27.60 5.16
C GLU A 13 7.11 28.06 6.61
N LEU A 14 7.29 27.09 7.51
CA LEU A 14 7.51 27.33 8.95
C LEU A 14 8.98 27.12 9.26
N LEU A 15 9.49 27.90 10.22
CA LEU A 15 10.88 27.82 10.65
C LEU A 15 11.00 26.78 11.76
N PRO A 16 12.16 26.12 11.91
CA PRO A 16 12.34 25.12 13.00
C PRO A 16 12.10 25.65 14.43
N SER A 17 12.41 26.92 14.64
CA SER A 17 12.08 27.60 15.89
C SER A 17 10.55 27.71 16.18
N ASP A 18 9.71 27.72 15.14
CA ASP A 18 8.26 27.87 15.29
C ASP A 18 7.67 26.70 16.10
N PRO A 19 6.87 26.99 17.16
CA PRO A 19 6.33 25.86 17.93
C PRO A 19 5.45 24.94 17.11
N GLU A 20 4.65 25.52 16.20
CA GLU A 20 3.85 24.74 15.24
C GLU A 20 4.69 23.76 14.41
N TYR A 21 5.90 24.19 14.01
CA TYR A 21 6.86 23.30 13.33
C TYR A 21 7.16 22.08 14.19
N ASN A 22 7.51 22.34 15.44
CA ASN A 22 7.90 21.25 16.35
C ASN A 22 6.74 20.33 16.73
N THR A 23 5.55 20.88 16.95
CA THR A 23 4.34 20.05 17.13
C THR A 23 4.28 19.01 16.01
N VAL A 24 4.40 19.47 14.76
CA VAL A 24 4.27 18.59 13.58
C VAL A 24 5.47 17.66 13.40
N ALA A 25 6.66 18.21 13.54
CA ALA A 25 7.89 17.41 13.43
C ALA A 25 7.95 16.31 14.50
N SER A 26 7.55 16.64 15.71
CA SER A 26 7.49 15.69 16.84
C SER A 26 6.58 14.49 16.52
N LYS A 27 5.35 14.77 16.06
CA LYS A 27 4.45 13.69 15.67
C LYS A 27 5.01 12.81 14.56
N PHE A 28 5.55 13.45 13.54
CA PHE A 28 6.27 12.76 12.46
C PHE A 28 7.43 11.97 13.02
N ASN A 29 8.22 12.61 13.88
CA ASN A 29 9.43 11.97 14.44
C ASN A 29 9.23 10.79 15.40
N GLN A 30 8.01 10.58 15.92
CA GLN A 30 7.71 9.37 16.71
C GLN A 30 8.05 8.10 15.98
N THR A 31 7.83 8.10 14.65
CA THR A 31 8.11 6.95 13.85
C THR A 31 9.06 7.18 12.70
N CYS A 32 9.34 8.43 12.36
CA CYS A 32 10.13 8.78 11.18
C CYS A 32 11.38 9.65 11.52
N SER A 33 11.91 9.52 12.72
CA SER A 33 13.14 10.28 13.18
C SER A 33 14.37 10.06 12.28
N HIS A 34 14.53 8.81 11.87
CA HIS A 34 15.58 8.39 10.91
C HIS A 34 15.55 8.97 9.49
N PHE A 35 14.47 9.64 9.08
CA PHE A 35 14.49 10.46 7.85
C PHE A 35 14.94 11.88 8.17
N ARG A 36 15.48 12.61 7.20
CA ARG A 36 15.73 14.05 7.42
C ARG A 36 14.63 14.92 6.79
N ILE A 37 14.13 15.87 7.60
CA ILE A 37 13.11 16.81 7.16
C ILE A 37 13.77 18.03 6.55
N GLU A 38 13.62 18.19 5.24
CA GLU A 38 14.01 19.41 4.53
C GLU A 38 13.05 20.58 4.77
N LYS A 39 11.74 20.33 4.78
CA LYS A 39 10.78 21.40 5.11
C LYS A 39 9.43 20.95 5.58
N ILE A 40 8.75 21.87 6.24
CA ILE A 40 7.39 21.68 6.65
C ILE A 40 6.65 22.93 6.25
N GLU A 41 5.58 22.78 5.49
CA GLU A 41 4.74 23.93 5.10
C GLU A 41 3.30 23.78 5.57
N ARG A 42 2.70 24.91 5.90
CA ARG A 42 1.27 25.03 6.06
C ARG A 42 0.64 25.37 4.70
N ILE A 43 -0.45 24.66 4.38
CA ILE A 43 -1.28 24.97 3.23
C ILE A 43 -2.49 25.77 3.70
N GLN A 44 -2.51 27.03 3.28
CA GLN A 44 -3.61 27.94 3.51
C GLN A 44 -4.49 28.04 2.26
N ASN A 45 -5.64 27.38 2.29
CA ASN A 45 -6.64 27.41 1.20
C ASN A 45 -7.99 27.74 1.89
N PRO A 46 -8.37 29.04 1.93
CA PRO A 46 -9.55 29.44 2.69
C PRO A 46 -10.90 28.82 2.26
N ASP A 47 -11.13 28.63 0.97
CA ASP A 47 -12.36 27.97 0.49
C ASP A 47 -12.44 26.51 0.93
N LEU A 48 -11.29 25.84 0.89
CA LEU A 48 -11.24 24.44 1.28
C LEU A 48 -11.44 24.26 2.78
N TRP A 49 -10.79 25.13 3.54
CA TRP A 49 -10.92 25.21 4.97
C TRP A 49 -12.35 25.54 5.42
N ASN A 50 -12.96 26.50 4.76
CA ASN A 50 -14.35 26.86 5.05
C ASN A 50 -15.35 25.71 4.81
N SER A 51 -15.14 24.97 3.74
CA SER A 51 -15.97 23.80 3.44
C SER A 51 -15.61 22.59 4.37
N TYR A 52 -14.34 22.43 4.70
CA TYR A 52 -13.98 21.52 5.78
C TYR A 52 -14.67 21.88 7.11
N GLN A 53 -14.65 23.15 7.50
CA GLN A 53 -15.17 23.53 8.81
C GLN A 53 -16.71 23.39 8.89
N ALA A 54 -17.39 23.53 7.75
CA ALA A 54 -18.82 23.36 7.64
C ALA A 54 -19.27 21.91 7.87
N LYS A 55 -18.60 20.97 7.24
CA LYS A 55 -18.88 19.53 7.54
C LYS A 55 -18.52 19.16 9.01
N LYS A 56 -17.51 19.81 9.58
CA LYS A 56 -17.10 19.53 10.97
C LYS A 56 -18.15 20.00 11.96
N LYS A 57 -18.63 21.22 11.77
CA LYS A 57 -19.76 21.77 12.51
C LYS A 57 -20.96 20.82 12.51
N THR A 58 -21.25 20.25 11.35
CA THR A 58 -22.36 19.31 11.19
C THR A 58 -22.06 18.01 11.92
N MET A 59 -20.83 17.53 11.79
CA MET A 59 -20.43 16.32 12.45
C MET A 59 -20.42 16.49 13.97
N ASP A 60 -20.05 17.69 14.44
CA ASP A 60 -19.99 17.98 15.87
C ASP A 60 -21.37 18.02 16.54
N ALA A 61 -22.30 18.72 15.90
CA ALA A 61 -23.68 18.85 16.35
C ALA A 61 -24.42 17.51 16.39
N LYS A 62 -23.84 16.48 15.75
CA LYS A 62 -24.43 15.16 15.55
C LYS A 62 -23.78 14.01 16.36
N ASN A 63 -22.46 14.02 16.56
CA ASN A 63 -21.78 12.84 17.16
C ASN A 63 -21.56 12.82 18.69
N GLY A 64 -22.06 13.81 19.42
CA GLY A 64 -22.03 13.84 20.89
C GLY A 64 -20.66 14.14 21.52
N GLN A 65 -20.24 13.32 22.48
CA GLN A 65 -18.91 13.43 23.10
C GLN A 65 -17.75 13.13 22.16
N THR A 66 -18.04 12.57 21.00
CA THR A 66 -17.00 12.11 20.09
C THR A 66 -16.07 13.27 19.64
N MET A 67 -14.75 13.06 19.75
CA MET A 67 -13.76 13.92 19.07
C MET A 67 -13.75 13.49 17.60
N ASN A 68 -14.43 14.25 16.76
CA ASN A 68 -14.60 13.86 15.35
C ASN A 68 -13.35 14.01 14.50
N GLU A 69 -12.48 14.91 14.90
CA GLU A 69 -11.28 15.21 14.15
C GLU A 69 -10.09 14.47 14.70
N LYS A 70 -9.34 13.79 13.83
CA LYS A 70 -7.97 13.33 14.09
C LYS A 70 -7.02 13.95 13.09
N GLN A 71 -5.78 14.10 13.52
CA GLN A 71 -4.67 14.43 12.70
C GLN A 71 -3.87 13.20 12.28
N LEU A 72 -3.80 12.95 10.97
CA LEU A 72 -3.34 11.67 10.39
C LEU A 72 -2.42 12.00 9.23
N PHE A 73 -1.75 11.01 8.68
CA PHE A 73 -0.69 11.25 7.74
C PHE A 73 -1.12 10.75 6.38
N HIS A 74 -0.58 11.34 5.31
CA HIS A 74 -0.87 10.81 3.97
C HIS A 74 0.27 11.09 3.06
N GLY A 75 0.90 10.02 2.60
CA GLY A 75 2.03 10.09 1.71
C GLY A 75 1.48 10.09 0.31
N THR A 76 2.12 10.87 -0.56
CA THR A 76 1.75 10.84 -1.94
C THR A 76 2.94 11.24 -2.77
N ASP A 77 2.81 11.04 -4.07
CA ASP A 77 3.81 11.48 -5.04
C ASP A 77 3.78 12.97 -5.23
N ALA A 78 4.88 13.48 -5.79
CA ALA A 78 5.07 14.91 -6.04
C ALA A 78 4.05 15.49 -7.00
N GLY A 79 3.64 14.71 -7.98
CA GLY A 79 2.63 15.18 -8.94
C GLY A 79 1.34 15.58 -8.28
N SER A 80 0.96 14.85 -7.23
CA SER A 80 -0.33 15.04 -6.57
C SER A 80 -0.39 16.24 -5.64
N VAL A 81 0.76 16.67 -5.11
CA VAL A 81 0.82 17.80 -4.22
C VAL A 81 0.04 19.08 -4.67
N PRO A 82 0.18 19.52 -5.92
CA PRO A 82 -0.67 20.68 -6.24
C PRO A 82 -2.16 20.38 -6.38
N HIS A 83 -2.52 19.15 -6.71
CA HIS A 83 -3.92 18.77 -6.77
C HIS A 83 -4.46 18.82 -5.32
N VAL A 84 -3.78 18.12 -4.42
CA VAL A 84 -4.18 18.09 -3.00
C VAL A 84 -4.24 19.46 -2.39
N ASN A 85 -3.36 20.35 -2.82
CA ASN A 85 -3.43 21.69 -2.30
C ASN A 85 -4.66 22.46 -2.76
N ARG A 86 -5.06 22.24 -4.00
CA ARG A 86 -6.18 23.02 -4.54
C ARG A 86 -7.44 22.41 -3.96
N ASN A 87 -7.59 21.12 -4.16
CA ASN A 87 -8.83 20.34 -3.99
C ASN A 87 -8.91 19.42 -2.78
N GLY A 88 -7.85 19.29 -1.97
CA GLY A 88 -7.89 18.32 -0.87
C GLY A 88 -7.99 16.94 -1.46
N PHE A 89 -8.84 16.09 -0.87
CA PHE A 89 -8.87 14.72 -1.24
C PHE A 89 -10.20 14.34 -1.92
N ASN A 90 -10.75 15.28 -2.70
CA ASN A 90 -11.65 15.03 -3.87
C ASN A 90 -11.97 13.58 -4.35
N ARG A 91 -13.24 13.30 -4.70
CA ARG A 91 -13.53 12.21 -5.68
C ARG A 91 -12.79 12.53 -6.99
N SER A 92 -11.95 11.59 -7.47
CA SER A 92 -11.21 11.77 -8.73
C SER A 92 -10.54 10.45 -9.15
N ALA A 98 -10.43 -2.76 -6.06
CA ALA A 98 -9.37 -1.78 -5.87
C ALA A 98 -8.51 -2.13 -4.66
N VAL A 99 -9.09 -2.01 -3.46
CA VAL A 99 -8.33 -2.01 -2.19
C VAL A 99 -9.01 -2.85 -1.08
N ALA A 100 -8.27 -3.08 0.01
CA ALA A 100 -8.75 -3.81 1.18
C ALA A 100 -10.08 -3.32 1.80
N TYR A 101 -10.17 -2.05 2.23
CA TYR A 101 -11.28 -1.55 3.09
C TYR A 101 -12.20 -0.48 2.48
N GLY A 102 -12.15 -0.29 1.17
CA GLY A 102 -13.05 0.64 0.47
C GLY A 102 -12.36 1.52 -0.56
N LYS A 103 -13.18 2.16 -1.41
CA LYS A 103 -12.73 3.01 -2.52
C LYS A 103 -12.85 4.49 -2.13
N GLY A 104 -11.96 4.93 -1.25
CA GLY A 104 -11.86 6.34 -0.83
C GLY A 104 -10.40 6.70 -0.56
N THR A 105 -10.16 7.69 0.28
CA THR A 105 -8.78 8.09 0.64
C THR A 105 -8.33 7.45 1.94
N TYR A 106 -7.11 6.94 1.90
CA TYR A 106 -6.45 6.24 2.95
C TYR A 106 -5.57 7.24 3.71
N PHE A 107 -5.66 7.21 5.03
CA PHE A 107 -4.85 8.02 5.94
C PHE A 107 -4.25 7.11 6.97
N ALA A 108 -3.10 7.50 7.56
CA ALA A 108 -2.40 6.62 8.51
C ALA A 108 -2.18 7.29 9.88
N VAL A 109 -2.33 6.47 10.93
CA VAL A 109 -2.10 6.88 12.29
C VAL A 109 -0.63 7.24 12.52
N ASN A 110 0.27 6.47 11.96
CA ASN A 110 1.71 6.67 12.19
C ASN A 110 2.38 7.03 10.90
N ALA A 111 3.21 8.07 10.94
CA ALA A 111 3.96 8.54 9.78
C ALA A 111 4.75 7.51 8.98
N ASN A 112 5.28 6.48 9.62
CA ASN A 112 6.07 5.47 8.86
C ASN A 112 5.22 4.66 7.87
N TYR A 113 3.93 4.50 8.13
CA TYR A 113 3.05 3.89 7.10
C TYR A 113 3.10 4.72 5.82
N SER A 114 2.83 6.01 5.94
CA SER A 114 2.82 6.95 4.82
C SER A 114 4.17 7.18 4.17
N ALA A 115 5.24 7.04 4.97
CA ALA A 115 6.63 7.17 4.51
C ALA A 115 7.13 6.09 3.59
N ASN A 116 6.45 4.96 3.53
CA ASN A 116 6.77 3.94 2.55
C ASN A 116 6.75 4.49 1.10
N ASP A 117 7.76 4.10 0.32
CA ASP A 117 7.98 4.57 -1.03
C ASP A 117 6.81 4.31 -1.99
N THR A 118 5.99 3.30 -1.68
CA THR A 118 4.81 2.97 -2.49
C THR A 118 3.74 4.06 -2.43
N TYR A 119 3.74 4.84 -1.36
CA TYR A 119 2.80 5.95 -1.21
C TYR A 119 3.55 7.24 -1.48
N SER A 120 4.51 7.57 -0.61
CA SER A 120 5.25 8.80 -0.73
C SER A 120 6.44 8.64 -1.66
N ARG A 121 6.14 8.40 -2.93
CA ARG A 121 7.15 7.99 -3.92
C ARG A 121 8.25 9.04 -4.03
N PRO A 122 9.55 8.64 -3.93
CA PRO A 122 10.58 9.69 -4.06
C PRO A 122 10.69 10.23 -5.49
N ASP A 123 10.78 11.55 -5.63
CA ASP A 123 10.94 12.20 -6.94
C ASP A 123 12.38 12.06 -7.47
N ALA A 124 12.61 12.63 -8.65
CA ALA A 124 13.94 12.72 -9.29
C ALA A 124 15.11 13.06 -8.33
N ASN A 125 14.88 14.04 -7.44
CA ASN A 125 15.85 14.44 -6.43
C ASN A 125 15.78 13.68 -5.09
N GLY A 126 15.12 12.52 -5.04
CA GLY A 126 14.92 11.76 -3.77
C GLY A 126 14.05 12.40 -2.69
N ARG A 127 13.23 13.41 -3.01
CA ARG A 127 12.33 14.01 -2.00
C ARG A 127 11.01 13.24 -1.83
N LYS A 128 10.57 13.06 -0.59
CA LYS A 128 9.33 12.36 -0.29
C LYS A 128 8.34 13.33 0.29
N HIS A 129 7.05 13.06 0.10
CA HIS A 129 6.01 14.01 0.46
C HIS A 129 4.94 13.38 1.34
N VAL A 130 4.77 13.92 2.54
CA VAL A 130 3.79 13.40 3.47
C VAL A 130 3.06 14.55 4.10
N TYR A 131 1.72 14.52 4.00
CA TYR A 131 0.84 15.51 4.54
C TYR A 131 0.49 15.15 5.99
N TYR A 132 0.37 16.11 6.90
CA TYR A 132 -0.19 15.89 8.24
C TYR A 132 -1.56 16.54 8.21
N VAL A 133 -2.61 15.74 8.20
CA VAL A 133 -3.98 16.09 7.71
C VAL A 133 -5.00 16.12 8.85
N ARG A 134 -5.86 17.12 8.86
CA ARG A 134 -7.04 17.09 9.70
C ARG A 134 -8.11 16.26 8.96
N VAL A 135 -8.56 15.15 9.59
CA VAL A 135 -9.52 14.21 9.03
C VAL A 135 -10.67 14.08 10.01
N LEU A 136 -11.87 14.16 9.48
CA LEU A 136 -13.08 13.97 10.27
C LEU A 136 -13.49 12.50 10.30
N THR A 137 -12.85 11.76 11.20
CA THR A 137 -13.04 10.32 11.34
C THR A 137 -14.38 9.94 11.93
N GLY A 138 -14.91 10.84 12.77
CA GLY A 138 -16.23 10.73 13.33
C GLY A 138 -16.38 9.41 14.06
N ILE A 139 -17.51 8.76 13.81
CA ILE A 139 -17.76 7.41 14.26
C ILE A 139 -17.40 6.42 13.15
N TYR A 140 -16.49 5.48 13.45
CA TYR A 140 -15.97 4.52 12.48
C TYR A 140 -16.30 3.07 12.81
N THR A 141 -16.25 2.24 11.77
CA THR A 141 -16.37 0.78 11.87
C THR A 141 -15.28 0.13 11.04
N HIS A 142 -15.23 -1.20 11.16
CA HIS A 142 -14.36 -2.06 10.35
C HIS A 142 -14.80 -2.01 8.86
N GLY A 143 -13.87 -1.73 7.95
CA GLY A 143 -14.23 -1.70 6.51
C GLY A 143 -14.20 -3.04 5.76
N ASN A 144 -14.54 -2.98 4.48
CA ASN A 144 -14.39 -4.08 3.53
C ASN A 144 -14.26 -3.52 2.09
N HIS A 145 -13.68 -4.31 1.20
CA HIS A 145 -13.29 -3.88 -0.16
C HIS A 145 -14.34 -3.06 -1.00
N SER A 146 -15.59 -3.51 -1.10
CA SER A 146 -16.57 -2.88 -2.02
C SER A 146 -17.29 -1.60 -1.56
N LEU A 147 -16.96 -1.10 -0.37
CA LEU A 147 -17.47 0.19 0.12
C LEU A 147 -17.08 1.31 -0.83
N ILE A 148 -18.10 1.90 -1.44
CA ILE A 148 -18.02 3.17 -2.14
C ILE A 148 -18.55 4.32 -1.26
N VAL A 149 -19.09 3.94 -0.09
CA VAL A 149 -19.50 4.86 0.98
C VAL A 149 -19.42 4.00 2.22
N PRO A 150 -19.41 4.61 3.42
CA PRO A 150 -19.37 3.78 4.64
C PRO A 150 -20.70 3.05 4.87
N PRO A 151 -20.67 1.87 5.54
CA PRO A 151 -21.93 1.14 5.76
C PRO A 151 -22.93 1.90 6.66
N SER A 152 -24.20 1.50 6.63
CA SER A 152 -25.21 2.14 7.45
C SER A 152 -25.12 1.50 8.84
N LYS A 153 -25.41 2.29 9.85
CA LYS A 153 -25.27 1.86 11.24
C LYS A 153 -26.42 0.95 11.65
N ASN A 154 -27.65 1.46 11.44
CA ASN A 154 -28.88 0.70 11.65
C ASN A 154 -29.55 0.41 10.29
N PRO A 155 -29.89 -0.87 10.02
CA PRO A 155 -30.70 -1.17 8.82
C PRO A 155 -32.13 -0.58 8.82
N GLN A 156 -32.69 -0.31 10.01
CA GLN A 156 -33.99 0.34 10.15
C GLN A 156 -33.95 1.84 9.84
N ASN A 157 -32.79 2.46 10.09
CA ASN A 157 -32.55 3.88 9.83
C ASN A 157 -31.31 3.98 8.91
N PRO A 158 -31.45 3.62 7.62
CA PRO A 158 -30.28 3.33 6.77
C PRO A 158 -29.55 4.52 6.10
N THR A 159 -29.93 5.76 6.42
CA THR A 159 -29.27 6.93 5.85
C THR A 159 -28.16 7.50 6.77
N ASP A 160 -28.26 7.29 8.08
CA ASP A 160 -27.16 7.64 9.00
C ASP A 160 -26.08 6.55 8.90
N LEU A 161 -25.03 6.87 8.15
CA LEU A 161 -23.92 5.97 7.90
C LEU A 161 -22.78 6.28 8.89
N TYR A 162 -21.80 5.38 8.95
CA TYR A 162 -20.56 5.67 9.65
C TYR A 162 -19.87 6.78 8.91
N ASP A 163 -19.02 7.52 9.62
CA ASP A 163 -18.31 8.66 9.04
C ASP A 163 -17.10 8.20 8.26
N THR A 164 -16.35 7.28 8.86
CA THR A 164 -15.23 6.63 8.16
C THR A 164 -15.19 5.19 8.52
N VAL A 165 -14.34 4.44 7.82
CA VAL A 165 -14.06 3.08 8.18
C VAL A 165 -12.57 2.92 8.56
N THR A 166 -12.25 1.82 9.21
CA THR A 166 -10.89 1.56 9.72
C THR A 166 -10.54 0.10 9.58
N ASP A 167 -9.25 -0.22 9.74
CA ASP A 167 -8.80 -1.61 9.71
C ASP A 167 -9.12 -2.33 11.04
N ASN A 168 -9.15 -1.57 12.13
CA ASN A 168 -9.23 -2.13 13.48
C ASN A 168 -9.84 -1.07 14.40
N VAL A 169 -11.06 -1.32 14.87
CA VAL A 169 -11.85 -0.29 15.59
C VAL A 169 -11.30 0.09 16.97
N HIS A 170 -10.65 -0.85 17.67
CA HIS A 170 -10.02 -0.53 18.97
C HIS A 170 -8.53 -0.22 18.90
N HIS A 171 -7.84 -0.72 17.88
CA HIS A 171 -6.44 -0.37 17.62
C HIS A 171 -6.18 -0.01 16.15
N PRO A 172 -6.75 1.11 15.71
CA PRO A 172 -6.56 1.50 14.29
C PRO A 172 -5.12 1.87 13.98
N SER A 173 -4.63 1.38 12.86
CA SER A 173 -3.45 1.96 12.19
C SER A 173 -3.79 2.72 10.90
N LEU A 174 -5.05 2.69 10.46
CA LEU A 174 -5.41 3.41 9.23
C LEU A 174 -6.88 3.78 9.26
N PHE A 175 -7.26 4.78 8.45
CA PHE A 175 -8.66 5.19 8.24
C PHE A 175 -8.92 5.50 6.78
N VAL A 176 -10.12 5.19 6.33
CA VAL A 176 -10.54 5.53 4.98
C VAL A 176 -11.68 6.53 5.01
N ALA A 177 -11.52 7.61 4.25
CA ALA A 177 -12.57 8.63 4.13
C ALA A 177 -13.11 8.66 2.69
N PHE A 178 -14.38 8.96 2.56
CA PHE A 178 -15.12 8.82 1.26
C PHE A 178 -15.69 10.10 0.74
N TYR A 179 -15.98 11.02 1.63
CA TYR A 179 -16.65 12.25 1.25
C TYR A 179 -15.68 13.36 0.92
N ASP A 180 -16.19 14.33 0.16
CA ASP A 180 -15.47 15.58 -0.14
C ASP A 180 -15.48 16.42 1.10
N TYR A 181 -14.39 17.15 1.32
CA TYR A 181 -14.29 18.09 2.44
C TYR A 181 -14.27 17.42 3.82
N GLN A 182 -14.03 16.13 3.86
CA GLN A 182 -13.87 15.40 5.09
C GLN A 182 -12.42 15.49 5.63
N ALA A 183 -11.51 16.09 4.86
CA ALA A 183 -10.08 16.14 5.17
C ALA A 183 -9.37 17.41 4.62
N TYR A 184 -8.45 17.98 5.41
CA TYR A 184 -7.78 19.25 5.12
C TYR A 184 -6.27 19.03 5.27
N PRO A 185 -5.51 19.08 4.16
CA PRO A 185 -4.06 18.89 4.12
C PRO A 185 -3.35 20.06 4.79
N GLU A 186 -3.48 20.18 6.08
CA GLU A 186 -2.98 21.36 6.75
C GLU A 186 -1.47 21.46 6.55
N TYR A 187 -0.75 20.35 6.56
CA TYR A 187 0.73 20.43 6.49
C TYR A 187 1.34 19.47 5.58
N LEU A 188 2.35 19.92 4.84
CA LEU A 188 3.08 19.08 3.96
C LEU A 188 4.50 18.95 4.53
N ILE A 189 4.96 17.73 4.67
CA ILE A 189 6.33 17.43 5.10
C ILE A 189 7.08 16.93 3.88
N THR A 190 8.12 17.69 3.46
CA THR A 190 9.03 17.25 2.42
C THR A 190 10.31 16.77 3.11
N PHE A 191 10.74 15.55 2.81
CA PHE A 191 11.85 14.93 3.58
C PHE A 191 12.63 13.99 2.68
N ARG A 192 13.71 13.42 3.19
CA ARG A 192 14.45 12.44 2.40
C ARG A 192 15.05 11.33 3.23
N LYS A 193 15.54 10.30 2.55
CA LYS A 193 16.24 9.20 3.19
C LYS A 193 17.58 9.65 3.78
N LYS B 5 25.35 -17.84 -8.39
CA LYS B 5 26.04 -16.51 -8.45
C LYS B 5 26.02 -15.91 -9.86
N GLN B 6 25.98 -14.58 -9.90
CA GLN B 6 25.73 -13.74 -11.12
CA GLN B 6 25.74 -13.74 -11.09
C GLN B 6 24.24 -13.63 -11.47
N GLN B 7 23.54 -14.75 -11.51
CA GLN B 7 22.07 -14.72 -11.71
C GLN B 7 21.63 -13.94 -12.98
N ASN B 8 22.33 -14.25 -14.06
CA ASN B 8 22.07 -13.71 -15.37
C ASN B 8 20.75 -14.32 -15.80
N PHE B 9 20.02 -13.61 -16.65
CA PHE B 9 18.66 -14.03 -17.02
C PHE B 9 18.39 -13.83 -18.51
N CYS B 10 17.50 -14.67 -19.03
CA CYS B 10 16.87 -14.50 -20.34
C CYS B 10 15.39 -14.20 -20.10
N VAL B 11 14.80 -13.43 -21.01
CA VAL B 11 13.41 -13.02 -20.96
C VAL B 11 12.83 -13.57 -22.27
N VAL B 12 11.80 -14.40 -22.16
CA VAL B 12 11.21 -15.09 -23.33
C VAL B 12 9.75 -14.67 -23.43
N GLU B 13 9.44 -13.93 -24.48
CA GLU B 13 8.06 -13.62 -24.80
C GLU B 13 7.35 -14.91 -25.21
N LEU B 14 6.13 -15.07 -24.70
CA LEU B 14 5.23 -16.17 -25.10
C LEU B 14 4.22 -15.60 -26.08
N LEU B 15 3.77 -16.44 -27.00
CA LEU B 15 2.75 -16.08 -27.99
C LEU B 15 1.36 -16.39 -27.41
N PRO B 16 0.32 -15.64 -27.80
CA PRO B 16 -1.05 -15.92 -27.31
C PRO B 16 -1.57 -17.35 -27.56
N SER B 17 -1.14 -17.96 -28.65
CA SER B 17 -1.40 -19.38 -28.90
C SER B 17 -0.79 -20.36 -27.89
N ASP B 18 0.31 -19.96 -27.24
CA ASP B 18 1.02 -20.83 -26.26
C ASP B 18 0.11 -21.20 -25.08
N PRO B 19 -0.02 -22.50 -24.75
CA PRO B 19 -0.90 -22.81 -23.61
C PRO B 19 -0.46 -22.16 -22.31
N GLU B 20 0.86 -22.13 -22.06
CA GLU B 20 1.43 -21.43 -20.90
C GLU B 20 1.01 -19.97 -20.83
N TYR B 21 0.91 -19.30 -21.99
CA TYR B 21 0.37 -17.92 -22.06
C TYR B 21 -1.04 -17.88 -21.49
N ASN B 22 -1.89 -18.79 -21.98
CA ASN B 22 -3.30 -18.79 -21.55
C ASN B 22 -3.49 -19.19 -20.10
N THR B 23 -2.75 -20.18 -19.61
CA THR B 23 -2.75 -20.49 -18.17
C THR B 23 -2.61 -19.20 -17.37
N VAL B 24 -1.60 -18.39 -17.73
CA VAL B 24 -1.27 -17.16 -16.99
C VAL B 24 -2.27 -16.03 -17.25
N ALA B 25 -2.58 -15.82 -18.52
CA ALA B 25 -3.61 -14.81 -18.87
C ALA B 25 -4.99 -15.11 -18.22
N SER B 26 -5.40 -16.38 -18.19
CA SER B 26 -6.68 -16.76 -17.51
C SER B 26 -6.69 -16.37 -16.05
N LYS B 27 -5.64 -16.76 -15.31
CA LYS B 27 -5.55 -16.40 -13.91
C LYS B 27 -5.62 -14.89 -13.73
N PHE B 28 -4.85 -14.16 -14.54
CA PHE B 28 -4.89 -12.71 -14.53
C PHE B 28 -6.32 -12.25 -14.88
N ASN B 29 -6.90 -12.84 -15.92
CA ASN B 29 -8.21 -12.41 -16.44
C ASN B 29 -9.43 -12.71 -15.51
N GLN B 30 -9.27 -13.58 -14.51
CA GLN B 30 -10.32 -13.76 -13.49
C GLN B 30 -10.75 -12.45 -12.83
N THR B 31 -9.80 -11.54 -12.63
CA THR B 31 -10.07 -10.24 -12.05
C THR B 31 -9.66 -9.04 -12.89
N CYS B 32 -8.86 -9.24 -13.94
CA CYS B 32 -8.27 -8.16 -14.73
C CYS B 32 -8.59 -8.24 -16.24
N SER B 33 -9.73 -8.85 -16.57
CA SER B 33 -10.18 -8.98 -18.00
C SER B 33 -10.33 -7.65 -18.75
N HIS B 34 -10.83 -6.66 -18.03
CA HIS B 34 -10.93 -5.28 -18.51
C HIS B 34 -9.66 -4.50 -18.87
N PHE B 35 -8.48 -4.99 -18.48
CA PHE B 35 -7.21 -4.42 -18.97
C PHE B 35 -6.81 -5.12 -20.24
N ARG B 36 -6.04 -4.45 -21.10
CA ARG B 36 -5.48 -5.16 -22.27
C ARG B 36 -4.02 -5.57 -22.03
N ILE B 37 -3.73 -6.83 -22.30
CA ILE B 37 -2.41 -7.41 -22.15
C ILE B 37 -1.60 -7.22 -23.43
N GLU B 38 -0.59 -6.33 -23.38
CA GLU B 38 0.39 -6.17 -24.47
C GLU B 38 1.38 -7.35 -24.54
N LYS B 39 1.83 -7.84 -23.39
CA LYS B 39 2.71 -9.03 -23.40
C LYS B 39 2.77 -9.82 -22.09
N ILE B 40 3.25 -11.06 -22.22
CA ILE B 40 3.52 -11.90 -21.10
C ILE B 40 4.86 -12.55 -21.38
N GLU B 41 5.82 -12.39 -20.46
CA GLU B 41 7.15 -13.01 -20.61
C GLU B 41 7.49 -13.95 -19.46
N ARG B 42 8.18 -15.04 -19.79
CA ARG B 42 8.81 -15.90 -18.82
C ARG B 42 10.20 -15.33 -18.52
N ILE B 43 10.52 -15.29 -17.23
CA ILE B 43 11.84 -14.96 -16.77
C ILE B 43 12.59 -16.23 -16.43
N GLN B 44 13.60 -16.50 -17.25
CA GLN B 44 14.50 -17.64 -17.08
C GLN B 44 15.82 -17.20 -16.46
N ASN B 45 16.00 -17.49 -15.16
CA ASN B 45 17.21 -17.14 -14.40
C ASN B 45 17.61 -18.42 -13.62
N PRO B 46 18.51 -19.26 -14.20
CA PRO B 46 18.78 -20.57 -13.64
C PRO B 46 19.41 -20.57 -12.23
N ASP B 47 20.24 -19.59 -11.90
CA ASP B 47 20.80 -19.50 -10.54
C ASP B 47 19.73 -19.15 -9.52
N LEU B 48 18.81 -18.27 -9.89
CA LEU B 48 17.77 -17.85 -9.00
C LEU B 48 16.83 -19.00 -8.75
N TRP B 49 16.48 -19.69 -9.83
CA TRP B 49 15.60 -20.81 -9.82
C TRP B 49 16.16 -21.94 -8.97
N ASN B 50 17.45 -22.22 -9.13
CA ASN B 50 18.12 -23.23 -8.33
C ASN B 50 18.13 -22.95 -6.86
N SER B 51 18.33 -21.69 -6.50
CA SER B 51 18.29 -21.26 -5.12
C SER B 51 16.83 -21.22 -4.59
N TYR B 52 15.87 -20.85 -5.45
CA TYR B 52 14.47 -20.99 -5.10
C TYR B 52 14.13 -22.46 -4.85
N GLN B 53 14.57 -23.37 -5.72
CA GLN B 53 14.19 -24.77 -5.58
C GLN B 53 14.83 -25.44 -4.34
N ALA B 54 16.01 -24.95 -3.94
CA ALA B 54 16.73 -25.43 -2.75
C ALA B 54 16.02 -25.08 -1.46
N LYS B 55 15.60 -23.84 -1.31
CA LYS B 55 14.74 -23.46 -0.22
C LYS B 55 13.41 -24.26 -0.21
N LYS B 56 12.84 -24.55 -1.38
CA LYS B 56 11.55 -25.24 -1.48
C LYS B 56 11.70 -26.66 -1.00
N LYS B 57 12.75 -27.34 -1.45
CA LYS B 57 13.17 -28.65 -0.94
C LYS B 57 13.29 -28.68 0.59
N THR B 58 13.90 -27.66 1.15
CA THR B 58 14.03 -27.50 2.61
C THR B 58 12.68 -27.27 3.27
N MET B 59 11.86 -26.41 2.67
CA MET B 59 10.53 -26.13 3.18
C MET B 59 9.65 -27.38 3.07
N ASP B 60 9.84 -28.17 2.02
CA ASP B 60 9.04 -29.40 1.79
C ASP B 60 9.35 -30.52 2.79
N ALA B 61 10.65 -30.79 2.98
CA ALA B 61 11.14 -31.74 4.00
C ALA B 61 10.76 -31.38 5.45
N LYS B 62 10.33 -30.14 5.67
CA LYS B 62 10.02 -29.57 7.00
C LYS B 62 8.51 -29.36 7.31
N ASN B 63 7.70 -28.99 6.32
CA ASN B 63 6.30 -28.61 6.59
C ASN B 63 5.20 -29.70 6.42
N GLY B 64 5.58 -30.94 6.10
CA GLY B 64 4.70 -32.07 6.07
C GLY B 64 3.77 -32.15 4.87
N GLN B 65 2.47 -32.38 5.13
CA GLN B 65 1.41 -32.31 4.09
C GLN B 65 1.21 -30.93 3.42
N THR B 66 1.81 -29.88 3.98
CA THR B 66 1.58 -28.51 3.51
C THR B 66 2.02 -28.31 2.07
N MET B 67 1.14 -27.73 1.24
CA MET B 67 1.53 -27.22 -0.09
C MET B 67 2.20 -25.86 0.15
N ASN B 68 3.53 -25.88 0.14
CA ASN B 68 4.29 -24.67 0.50
C ASN B 68 4.22 -23.55 -0.55
N GLU B 69 4.01 -23.91 -1.80
CA GLU B 69 4.08 -22.98 -2.92
C GLU B 69 2.71 -22.55 -3.35
N LYS B 70 2.52 -21.23 -3.48
CA LYS B 70 1.43 -20.60 -4.22
C LYS B 70 1.94 -19.71 -5.33
N GLN B 71 1.10 -19.55 -6.37
CA GLN B 71 1.30 -18.58 -7.43
C GLN B 71 0.49 -17.34 -7.17
N LEU B 72 1.17 -16.20 -7.03
CA LEU B 72 0.62 -14.95 -6.55
C LEU B 72 1.06 -13.85 -7.44
N PHE B 73 0.48 -12.65 -7.27
CA PHE B 73 0.73 -11.57 -8.19
C PHE B 73 1.54 -10.48 -7.49
N HIS B 74 2.33 -9.73 -8.25
CA HIS B 74 3.06 -8.59 -7.65
C HIS B 74 3.22 -7.55 -8.67
N GLY B 75 2.58 -6.42 -8.40
CA GLY B 75 2.67 -5.24 -9.23
C GLY B 75 3.84 -4.40 -8.76
N THR B 76 4.53 -3.80 -9.72
CA THR B 76 5.63 -2.91 -9.39
C THR B 76 5.80 -1.94 -10.52
N ASP B 77 6.61 -0.94 -10.28
CA ASP B 77 7.00 0.04 -11.30
C ASP B 77 8.03 -0.53 -12.29
N ALA B 78 8.19 0.19 -13.40
CA ALA B 78 9.04 -0.22 -14.50
C ALA B 78 10.51 -0.27 -14.15
N GLY B 79 10.94 0.62 -13.29
CA GLY B 79 12.34 0.64 -12.87
C GLY B 79 12.77 -0.66 -12.23
N SER B 80 11.87 -1.29 -11.49
CA SER B 80 12.19 -2.42 -10.65
C SER B 80 12.32 -3.69 -11.41
N VAL B 81 11.65 -3.77 -12.57
CA VAL B 81 11.71 -4.93 -13.39
C VAL B 81 13.09 -5.57 -13.66
N PRO B 82 14.10 -4.82 -14.08
CA PRO B 82 15.39 -5.50 -14.23
C PRO B 82 16.06 -5.93 -12.91
N HIS B 83 15.75 -5.26 -11.82
CA HIS B 83 16.26 -5.69 -10.50
C HIS B 83 15.62 -7.03 -10.13
N VAL B 84 14.29 -7.06 -10.19
CA VAL B 84 13.53 -8.28 -9.92
C VAL B 84 13.95 -9.40 -10.78
N ASN B 85 14.28 -9.12 -12.03
CA ASN B 85 14.72 -10.20 -12.90
C ASN B 85 16.07 -10.80 -12.51
N ARG B 86 17.00 -9.97 -12.03
CA ARG B 86 18.34 -10.46 -11.66
C ARG B 86 18.21 -11.18 -10.35
N ASN B 87 17.63 -10.47 -9.38
CA ASN B 87 17.67 -10.77 -7.96
C ASN B 87 16.39 -11.24 -7.29
N GLY B 88 15.28 -11.33 -8.02
CA GLY B 88 14.03 -11.72 -7.35
C GLY B 88 13.65 -10.62 -6.37
N PHE B 89 13.21 -11.02 -5.19
CA PHE B 89 12.69 -10.11 -4.23
C PHE B 89 13.58 -10.08 -2.97
N ASN B 90 14.85 -10.46 -3.09
CA ASN B 90 15.79 -10.58 -1.97
C ASN B 90 16.26 -9.22 -1.38
N ARG B 91 17.30 -9.27 -0.53
CA ARG B 91 17.94 -8.10 0.12
C ARG B 91 16.87 -7.26 0.89
N SER B 92 16.36 -6.06 0.50
CA SER B 92 16.98 -4.97 -0.29
C SER B 92 16.60 -3.59 0.29
N TYR B 93 17.09 -3.29 1.50
CA TYR B 93 16.92 -1.97 2.14
C TYR B 93 15.47 -1.46 2.15
N TYR B 101 1.30 -5.17 7.74
CA TYR B 101 1.54 -6.53 8.25
C TYR B 101 3.02 -6.95 8.25
N GLY B 102 3.95 -5.99 8.07
CA GLY B 102 5.40 -6.25 8.14
C GLY B 102 6.22 -5.59 7.04
N LYS B 103 7.54 -5.58 7.23
CA LYS B 103 8.52 -4.96 6.32
C LYS B 103 9.23 -6.02 5.45
N GLY B 104 8.48 -6.60 4.51
CA GLY B 104 8.99 -7.59 3.56
C GLY B 104 8.33 -7.34 2.22
N THR B 105 8.22 -8.39 1.37
CA THR B 105 7.55 -8.26 0.06
C THR B 105 6.12 -8.75 0.10
N TYR B 106 5.26 -7.93 -0.46
CA TYR B 106 3.83 -8.14 -0.51
C TYR B 106 3.50 -8.81 -1.82
N PHE B 107 2.67 -9.84 -1.75
CA PHE B 107 2.13 -10.54 -2.90
C PHE B 107 0.60 -10.60 -2.77
N ALA B 108 -0.12 -10.69 -3.89
CA ALA B 108 -1.61 -10.76 -3.87
C ALA B 108 -2.22 -11.99 -4.52
N VAL B 109 -3.29 -12.48 -3.89
CA VAL B 109 -4.03 -13.65 -4.36
C VAL B 109 -4.66 -13.35 -5.71
N ASN B 110 -5.20 -12.15 -5.88
CA ASN B 110 -5.98 -11.77 -7.08
C ASN B 110 -5.29 -10.64 -7.78
N ALA B 111 -5.12 -10.77 -9.09
CA ALA B 111 -4.44 -9.77 -9.92
C ALA B 111 -4.92 -8.32 -9.78
N ASN B 112 -6.21 -8.08 -9.52
CA ASN B 112 -6.68 -6.70 -9.39
C ASN B 112 -6.11 -5.95 -8.19
N TYR B 113 -5.71 -6.67 -7.16
CA TYR B 113 -4.98 -5.99 -6.06
C TYR B 113 -3.69 -5.36 -6.60
N SER B 114 -2.88 -6.18 -7.25
CA SER B 114 -1.60 -5.76 -7.82
C SER B 114 -1.72 -4.76 -8.94
N ALA B 115 -2.83 -4.83 -9.67
CA ALA B 115 -3.14 -3.92 -10.80
C ALA B 115 -3.43 -2.50 -10.42
N ASN B 116 -3.69 -2.24 -9.16
CA ASN B 116 -3.81 -0.87 -8.67
C ASN B 116 -2.55 -0.05 -9.00
N ASP B 117 -2.77 1.20 -9.42
CA ASP B 117 -1.72 2.12 -9.87
C ASP B 117 -0.69 2.43 -8.79
N THR B 118 -1.07 2.27 -7.52
CA THR B 118 -0.15 2.51 -6.41
C THR B 118 1.00 1.51 -6.38
N TYR B 119 0.76 0.31 -6.93
CA TYR B 119 1.75 -0.74 -6.97
C TYR B 119 2.32 -0.84 -8.35
N SER B 120 1.48 -1.23 -9.30
CA SER B 120 1.91 -1.34 -10.68
C SER B 120 1.79 0.02 -11.39
N ARG B 121 2.64 0.96 -10.98
CA ARG B 121 2.57 2.36 -11.41
C ARG B 121 2.71 2.47 -12.92
N PRO B 122 1.79 3.18 -13.62
CA PRO B 122 1.96 3.24 -15.07
C PRO B 122 3.15 4.13 -15.44
N ASP B 123 3.96 3.67 -16.39
CA ASP B 123 5.14 4.45 -16.85
C ASP B 123 4.73 5.62 -17.78
N ALA B 124 5.72 6.36 -18.27
CA ALA B 124 5.56 7.38 -19.32
C ALA B 124 4.58 7.04 -20.46
N ASN B 125 4.63 5.81 -20.96
CA ASN B 125 3.71 5.29 -22.00
C ASN B 125 2.45 4.58 -21.50
N GLY B 126 2.06 4.76 -20.24
CA GLY B 126 0.89 4.07 -19.66
C GLY B 126 0.94 2.54 -19.49
N ARG B 127 2.14 1.95 -19.54
CA ARG B 127 2.28 0.47 -19.34
C ARG B 127 2.36 0.09 -17.86
N LYS B 128 1.67 -0.98 -17.47
CA LYS B 128 1.68 -1.45 -16.09
C LYS B 128 2.35 -2.79 -16.01
N HIS B 129 2.95 -3.10 -14.88
CA HIS B 129 3.80 -4.30 -14.75
C HIS B 129 3.41 -5.16 -13.56
N VAL B 130 3.02 -6.38 -13.83
CA VAL B 130 2.60 -7.31 -12.80
C VAL B 130 3.24 -8.65 -13.08
N TYR B 131 3.90 -9.18 -12.07
CA TYR B 131 4.56 -10.50 -12.10
C TYR B 131 3.61 -11.60 -11.59
N TYR B 132 3.65 -12.82 -12.15
CA TYR B 132 2.90 -13.92 -11.64
C TYR B 132 3.97 -14.82 -11.06
N VAL B 133 4.01 -14.91 -9.72
CA VAL B 133 5.18 -15.31 -8.95
C VAL B 133 4.97 -16.63 -8.21
N ARG B 134 5.95 -17.52 -8.27
CA ARG B 134 5.98 -18.67 -7.39
C ARG B 134 6.51 -18.18 -6.02
N VAL B 135 5.69 -18.30 -4.98
CA VAL B 135 6.01 -17.85 -3.61
C VAL B 135 5.87 -19.05 -2.67
N LEU B 136 6.86 -19.21 -1.81
CA LEU B 136 6.84 -20.21 -0.76
C LEU B 136 6.20 -19.68 0.50
N THR B 137 4.88 -19.74 0.53
CA THR B 137 4.07 -19.26 1.65
C THR B 137 4.16 -20.11 2.91
N GLY B 138 4.41 -21.40 2.72
CA GLY B 138 4.67 -22.32 3.78
C GLY B 138 3.55 -22.27 4.78
N ILE B 139 3.94 -22.20 6.05
CA ILE B 139 3.00 -22.06 7.15
C ILE B 139 2.93 -20.59 7.53
N TYR B 140 1.72 -20.04 7.52
CA TYR B 140 1.49 -18.60 7.75
C TYR B 140 0.62 -18.31 8.96
N THR B 141 0.77 -17.10 9.49
CA THR B 141 -0.11 -16.51 10.50
C THR B 141 -0.56 -15.09 10.11
N HIS B 142 -1.43 -14.51 10.94
CA HIS B 142 -1.98 -13.12 10.83
C HIS B 142 -1.10 -11.87 10.80
N GLY B 143 0.05 -11.88 11.47
CA GLY B 143 0.99 -10.77 11.34
C GLY B 143 0.63 -9.53 12.13
N ASN B 144 1.62 -8.61 12.23
CA ASN B 144 1.69 -7.57 13.28
C ASN B 144 1.95 -6.15 12.69
N HIS B 145 3.22 -5.74 12.64
CA HIS B 145 3.66 -4.35 12.37
C HIS B 145 5.16 -4.21 12.67
N SER B 146 5.58 -4.79 13.80
CA SER B 146 7.00 -4.86 14.16
C SER B 146 7.76 -5.84 13.26
N LEU B 147 7.04 -6.63 12.44
CA LEU B 147 7.66 -7.73 11.74
C LEU B 147 8.69 -7.30 10.72
N ILE B 148 9.95 -7.54 11.07
CA ILE B 148 11.08 -7.55 10.15
C ILE B 148 11.43 -9.01 9.76
N VAL B 149 10.78 -9.97 10.42
CA VAL B 149 10.92 -11.40 10.14
C VAL B 149 9.62 -11.99 10.76
N PRO B 150 9.09 -13.11 10.22
CA PRO B 150 7.80 -13.62 10.74
C PRO B 150 7.88 -14.00 12.21
N PRO B 151 6.76 -13.94 12.97
CA PRO B 151 6.84 -14.28 14.40
C PRO B 151 7.26 -15.72 14.64
N SER B 152 7.70 -16.01 15.86
CA SER B 152 8.07 -17.39 16.21
C SER B 152 6.79 -18.12 16.58
N LYS B 153 6.77 -19.42 16.30
CA LYS B 153 5.58 -20.23 16.51
C LYS B 153 5.45 -20.57 18.01
N ASN B 154 6.54 -21.11 18.58
CA ASN B 154 6.70 -21.36 20.04
C ASN B 154 7.65 -20.37 20.70
N PRO B 155 7.24 -19.66 21.79
CA PRO B 155 8.21 -18.84 22.56
C PRO B 155 9.33 -19.61 23.29
N GLN B 156 9.08 -20.87 23.65
CA GLN B 156 10.11 -21.74 24.25
C GLN B 156 11.13 -22.25 23.23
N ASN B 157 10.70 -22.37 21.96
CA ASN B 157 11.54 -22.79 20.84
C ASN B 157 11.49 -21.70 19.75
N PRO B 158 12.15 -20.54 19.99
CA PRO B 158 11.87 -19.33 19.24
C PRO B 158 12.58 -19.15 17.88
N THR B 159 13.26 -20.17 17.36
CA THR B 159 13.95 -20.09 16.07
C THR B 159 13.13 -20.62 14.89
N ASP B 160 12.23 -21.59 15.12
CA ASP B 160 11.30 -22.01 14.06
C ASP B 160 10.17 -20.98 13.94
N LEU B 161 10.28 -20.13 12.93
CA LEU B 161 9.33 -19.04 12.70
C LEU B 161 8.30 -19.47 11.65
N TYR B 162 7.24 -18.68 11.51
CA TYR B 162 6.31 -18.85 10.40
C TYR B 162 7.05 -18.51 9.13
N ASP B 163 6.61 -19.08 8.01
CA ASP B 163 7.28 -18.90 6.72
C ASP B 163 6.89 -17.55 6.14
N THR B 164 5.60 -17.26 6.19
CA THR B 164 5.08 -15.99 5.76
C THR B 164 3.99 -15.56 6.67
N VAL B 165 3.55 -14.31 6.53
CA VAL B 165 2.38 -13.81 7.24
C VAL B 165 1.28 -13.44 6.22
N THR B 166 0.04 -13.32 6.70
CA THR B 166 -1.11 -13.03 5.85
C THR B 166 -2.06 -12.06 6.55
N ASP B 167 -2.97 -11.47 5.77
CA ASP B 167 -4.00 -10.60 6.33
C ASP B 167 -5.12 -11.41 7.03
N ASN B 168 -5.31 -12.65 6.60
CA ASN B 168 -6.47 -13.48 6.99
C ASN B 168 -6.17 -14.94 6.75
N VAL B 169 -5.97 -15.69 7.83
CA VAL B 169 -5.40 -17.05 7.75
C VAL B 169 -6.34 -18.05 7.07
N HIS B 170 -7.65 -17.85 7.18
CA HIS B 170 -8.61 -18.77 6.53
C HIS B 170 -9.17 -18.24 5.19
N HIS B 171 -9.16 -16.91 5.00
CA HIS B 171 -9.51 -16.30 3.71
C HIS B 171 -8.49 -15.25 3.26
N PRO B 172 -7.26 -15.70 2.91
CA PRO B 172 -6.23 -14.70 2.56
C PRO B 172 -6.52 -14.02 1.23
N SER B 173 -6.31 -12.72 1.19
CA SER B 173 -6.15 -11.96 -0.05
C SER B 173 -4.69 -11.46 -0.29
N LEU B 174 -3.80 -11.67 0.66
CA LEU B 174 -2.43 -11.20 0.51
C LEU B 174 -1.49 -12.01 1.38
N PHE B 175 -0.19 -11.97 1.04
CA PHE B 175 0.88 -12.59 1.80
C PHE B 175 2.11 -11.74 1.80
N VAL B 176 2.83 -11.74 2.91
CA VAL B 176 4.11 -11.03 3.01
C VAL B 176 5.24 -12.03 3.22
N ALA B 177 6.26 -11.94 2.38
CA ALA B 177 7.45 -12.78 2.46
C ALA B 177 8.63 -11.93 2.92
N PHE B 178 9.56 -12.54 3.66
CA PHE B 178 10.74 -11.81 4.23
C PHE B 178 12.14 -12.40 3.97
N TYR B 179 12.21 -13.65 3.56
CA TYR B 179 13.49 -14.31 3.29
C TYR B 179 13.92 -14.21 1.83
N ASP B 180 15.22 -14.42 1.61
CA ASP B 180 15.80 -14.47 0.27
C ASP B 180 15.40 -15.77 -0.36
N TYR B 181 15.14 -15.74 -1.67
CA TYR B 181 14.88 -16.96 -2.45
C TYR B 181 13.59 -17.65 -2.07
N GLN B 182 12.73 -16.91 -1.39
CA GLN B 182 11.42 -17.37 -1.04
C GLN B 182 10.40 -17.23 -2.24
N ALA B 183 10.80 -16.55 -3.30
CA ALA B 183 9.90 -16.15 -4.42
C ALA B 183 10.65 -16.05 -5.75
N TYR B 184 10.03 -16.56 -6.82
CA TYR B 184 10.57 -16.61 -8.14
C TYR B 184 9.60 -15.90 -9.12
N PRO B 185 10.00 -14.75 -9.72
CA PRO B 185 9.20 -13.97 -10.65
C PRO B 185 9.11 -14.74 -11.96
N GLU B 186 8.36 -15.81 -12.01
CA GLU B 186 8.33 -16.65 -13.21
C GLU B 186 7.78 -15.84 -14.41
N TYR B 187 6.84 -14.94 -14.18
CA TYR B 187 6.17 -14.29 -15.37
C TYR B 187 5.89 -12.88 -15.17
N LEU B 188 6.18 -12.08 -16.20
CA LEU B 188 5.93 -10.67 -16.13
C LEU B 188 4.78 -10.37 -17.10
N ILE B 189 3.77 -9.63 -16.63
CA ILE B 189 2.64 -9.19 -17.46
C ILE B 189 2.77 -7.73 -17.63
N THR B 190 2.96 -7.28 -18.86
CA THR B 190 2.91 -5.89 -19.22
C THR B 190 1.54 -5.62 -19.88
N PHE B 191 0.82 -4.63 -19.37
CA PHE B 191 -0.57 -4.39 -19.81
C PHE B 191 -0.93 -2.92 -19.72
N ARG B 192 -2.13 -2.56 -20.15
CA ARG B 192 -2.55 -1.16 -20.03
C ARG B 192 -4.04 -1.02 -19.79
N LYS B 193 -4.45 0.19 -19.45
CA LYS B 193 -5.86 0.55 -19.22
C LYS B 193 -6.64 0.54 -20.55
#